data_5W7K
#
_entry.id   5W7K
#
_cell.length_a   121.628
_cell.length_b   36.208
_cell.length_c   126.304
_cell.angle_alpha   90.000
_cell.angle_beta   102.830
_cell.angle_gamma   90.000
#
_symmetry.space_group_name_H-M   'C 1 2 1'
#
loop_
_entity.id
_entity.type
_entity.pdbx_description
1 polymer OxaG
2 non-polymer S-ADENOSYL-L-HOMOCYSTEINE
3 non-polymer 'CHLORIDE ION'
4 water water
#
_entity_poly.entity_id   1
_entity_poly.type   'polypeptide(L)'
_entity_poly.pdbx_seq_one_letter_code
;MGSSHHHHHHHHGASENLYFQGASMTRATNFTELYAGKGILETYMIAEKITRYFTRDLIELSGLLESELSPLKLLDLACG
TGVVSERLHEMLASKAPASWELICGDISAELTGHVKRKIIEEGWTNSSARVMDAQNTELATAELTHVFAALAWTSFPDTY
AALKDSLRILRPGGTLTISTWQKTEWLGVLEAAVKTIPTRLPFPTTKEFMSCMNPGWDDENYVRGRLEEAGFVHVYSTTI
SKEFQISTADLYKIAAPVIPIIVSKWWTTEQKEAHEHEILPALAKHLEATYGETGLVPQKWTAVFAKGEKEK
;
_entity_poly.pdbx_strand_id   A,B
#
loop_
_chem_comp.id
_chem_comp.type
_chem_comp.name
_chem_comp.formula
CL non-polymer 'CHLORIDE ION' 'Cl -1'
#
# COMPACT_ATOMS: atom_id res chain seq x y z
N GLY A 39 -10.76 24.59 -23.09
CA GLY A 39 -10.24 24.22 -24.40
C GLY A 39 -8.99 23.36 -24.33
N ILE A 40 -8.32 23.39 -23.18
CA ILE A 40 -7.15 22.55 -22.93
C ILE A 40 -7.65 21.20 -22.44
N LEU A 41 -8.88 20.85 -22.80
CA LEU A 41 -9.35 19.50 -22.50
C LEU A 41 -8.64 18.47 -23.37
N GLU A 42 -8.31 18.83 -24.61
CA GLU A 42 -7.66 17.87 -25.51
C GLU A 42 -6.28 17.47 -25.00
N THR A 43 -5.61 18.34 -24.24
CA THR A 43 -4.31 17.93 -23.74
C THR A 43 -4.44 17.07 -22.48
N TYR A 44 -5.48 17.27 -21.66
CA TYR A 44 -5.69 16.35 -20.55
C TYR A 44 -6.02 14.94 -21.02
N MET A 45 -6.57 14.78 -22.22
CA MET A 45 -6.83 13.44 -22.72
C MET A 45 -5.54 12.65 -22.92
N ILE A 46 -4.44 13.33 -23.26
CA ILE A 46 -3.19 12.59 -23.34
C ILE A 46 -2.67 12.33 -21.94
N ALA A 47 -2.77 13.33 -21.07
CA ALA A 47 -2.20 13.24 -19.73
C ALA A 47 -2.85 12.09 -18.95
N GLU A 48 -4.16 11.88 -19.17
CA GLU A 48 -4.87 10.89 -18.35
C GLU A 48 -4.41 9.47 -18.63
N LYS A 49 -3.83 9.20 -19.80
CA LYS A 49 -3.18 7.91 -20.04
C LYS A 49 -2.08 7.61 -19.03
N ILE A 50 -1.39 8.63 -18.56
CA ILE A 50 -0.34 8.44 -17.57
C ILE A 50 -0.90 8.44 -16.16
N THR A 51 -1.79 9.39 -15.86
CA THR A 51 -2.22 9.49 -14.47
C THR A 51 -3.04 8.29 -14.03
N ARG A 52 -3.61 7.54 -14.98
CA ARG A 52 -4.35 6.32 -14.67
C ARG A 52 -3.47 5.28 -14.00
N TYR A 53 -2.18 5.31 -14.27
CA TYR A 53 -1.30 4.35 -13.62
C TYR A 53 -1.11 4.64 -12.14
N PHE A 54 -1.54 5.80 -11.65
CA PHE A 54 -1.29 6.17 -10.26
C PHE A 54 -2.55 6.19 -9.39
N THR A 55 -3.71 5.83 -9.93
CA THR A 55 -4.93 5.97 -9.13
C THR A 55 -5.12 4.82 -8.17
N ARG A 56 -4.69 3.60 -8.53
CA ARG A 56 -4.95 2.47 -7.65
C ARG A 56 -4.18 2.60 -6.35
N ASP A 57 -2.93 3.06 -6.41
CA ASP A 57 -2.19 3.22 -5.17
C ASP A 57 -2.77 4.31 -4.28
N LEU A 58 -3.31 5.36 -4.89
CA LEU A 58 -3.99 6.38 -4.11
C LEU A 58 -5.17 5.78 -3.32
N ILE A 59 -6.01 5.00 -3.97
CA ILE A 59 -7.16 4.44 -3.27
C ILE A 59 -6.72 3.41 -2.24
N GLU A 60 -5.74 2.57 -2.60
CA GLU A 60 -5.16 1.62 -1.65
C GLU A 60 -4.58 2.32 -0.42
N LEU A 61 -3.78 3.36 -0.64
CA LEU A 61 -3.20 4.10 0.49
C LEU A 61 -4.28 4.68 1.41
N SER A 62 -5.43 5.08 0.85
CA SER A 62 -6.43 5.78 1.65
C SER A 62 -7.08 4.90 2.71
N GLY A 63 -7.03 3.59 2.57
CA GLY A 63 -7.77 2.67 3.42
C GLY A 63 -9.25 2.54 3.11
N LEU A 64 -9.74 3.19 2.04
CA LEU A 64 -11.17 3.17 1.71
C LEU A 64 -11.72 1.76 1.63
N LEU A 65 -11.01 0.84 0.97
CA LEU A 65 -11.56 -0.50 0.78
C LEU A 65 -11.79 -1.26 2.08
N GLU A 66 -11.22 -0.83 3.21
CA GLU A 66 -11.42 -1.49 4.49
C GLU A 66 -12.03 -0.56 5.54
N SER A 67 -12.68 0.51 5.10
CA SER A 67 -13.24 1.48 6.03
C SER A 67 -14.54 0.97 6.61
N GLU A 68 -14.72 1.17 7.91
CA GLU A 68 -15.99 0.90 8.58
C GLU A 68 -16.81 2.17 8.73
N LEU A 69 -16.28 3.32 8.31
CA LEU A 69 -17.05 4.55 8.33
C LEU A 69 -18.24 4.42 7.37
N SER A 70 -19.38 4.93 7.80
CA SER A 70 -20.58 4.79 7.04
C SER A 70 -21.46 5.97 7.39
N PRO A 71 -22.19 6.55 6.42
CA PRO A 71 -22.15 6.13 5.01
C PRO A 71 -20.90 6.68 4.32
N LEU A 72 -20.28 5.91 3.43
CA LEU A 72 -19.13 6.42 2.66
C LEU A 72 -19.54 7.59 1.77
N LYS A 73 -18.83 8.70 1.91
CA LYS A 73 -19.07 9.90 1.11
C LYS A 73 -17.71 10.38 0.63
N LEU A 74 -17.47 10.31 -0.68
CA LEU A 74 -16.14 10.51 -1.24
C LEU A 74 -16.11 11.76 -2.10
N LEU A 75 -14.97 12.47 -2.07
CA LEU A 75 -14.74 13.60 -2.95
C LEU A 75 -13.48 13.35 -3.78
N ASP A 76 -13.62 13.47 -5.11
CA ASP A 76 -12.51 13.44 -6.09
C ASP A 76 -12.20 14.90 -6.37
N LEU A 77 -11.35 15.48 -5.54
CA LEU A 77 -11.05 16.90 -5.61
C LEU A 77 -10.00 17.14 -6.69
N ALA A 78 -10.20 18.21 -7.46
CA ALA A 78 -9.39 18.53 -8.64
C ALA A 78 -9.33 17.32 -9.58
N CYS A 79 -10.52 16.87 -10.00
CA CYS A 79 -10.65 15.55 -10.59
C CYS A 79 -10.12 15.46 -12.01
N GLY A 80 -9.83 16.59 -12.67
CA GLY A 80 -9.47 16.56 -14.07
C GLY A 80 -10.51 15.86 -14.93
N THR A 81 -10.09 14.84 -15.68
CA THR A 81 -11.01 14.03 -16.46
C THR A 81 -11.62 12.89 -15.66
N GLY A 82 -11.39 12.86 -14.35
CA GLY A 82 -12.07 11.91 -13.48
C GLY A 82 -11.42 10.56 -13.40
N VAL A 83 -10.08 10.51 -13.51
CA VAL A 83 -9.42 9.20 -13.48
C VAL A 83 -9.60 8.53 -12.13
N VAL A 84 -9.54 9.28 -11.02
CA VAL A 84 -9.76 8.70 -9.70
C VAL A 84 -11.18 8.11 -9.63
N SER A 85 -12.16 8.87 -10.11
CA SER A 85 -13.54 8.41 -10.12
C SER A 85 -13.70 7.16 -10.96
N GLU A 86 -13.02 7.09 -12.11
CA GLU A 86 -12.96 5.87 -12.88
C GLU A 86 -12.52 4.70 -12.02
N ARG A 87 -11.41 4.87 -11.32
CA ARG A 87 -10.87 3.76 -10.55
C ARG A 87 -11.74 3.46 -9.33
N LEU A 88 -12.38 4.47 -8.76
CA LEU A 88 -13.26 4.20 -7.63
C LEU A 88 -14.40 3.27 -8.04
N HIS A 89 -15.00 3.50 -9.22
CA HIS A 89 -16.15 2.71 -9.64
C HIS A 89 -15.74 1.29 -10.02
N GLU A 90 -14.50 1.14 -10.46
CA GLU A 90 -13.98 -0.19 -10.73
C GLU A 90 -13.69 -0.93 -9.43
N MET A 91 -12.91 -0.33 -8.53
CA MET A 91 -12.54 -1.03 -7.30
C MET A 91 -13.70 -1.24 -6.35
N LEU A 92 -14.76 -0.42 -6.44
CA LEU A 92 -15.93 -0.56 -5.57
C LEU A 92 -17.07 -1.34 -6.25
N ALA A 93 -16.78 -2.00 -7.37
CA ALA A 93 -17.81 -2.66 -8.16
C ALA A 93 -18.55 -3.74 -7.37
N SER A 94 -17.85 -4.42 -6.46
CA SER A 94 -18.46 -5.46 -5.63
C SER A 94 -19.35 -4.92 -4.52
N LYS A 95 -19.17 -3.66 -4.11
CA LYS A 95 -19.93 -3.10 -3.01
C LYS A 95 -21.33 -2.75 -3.45
N ALA A 96 -22.26 -2.80 -2.49
CA ALA A 96 -23.63 -2.34 -2.73
C ALA A 96 -23.60 -0.90 -3.22
N PRO A 97 -24.11 -0.61 -4.42
CA PRO A 97 -24.03 0.76 -4.95
C PRO A 97 -24.72 1.81 -4.09
N ALA A 98 -25.62 1.41 -3.19
CA ALA A 98 -26.27 2.34 -2.28
C ALA A 98 -25.43 2.61 -1.03
N SER A 99 -24.30 1.94 -0.88
CA SER A 99 -23.44 2.12 0.28
C SER A 99 -22.43 3.26 0.12
N TRP A 100 -22.41 3.96 -1.00
CA TRP A 100 -21.44 5.04 -1.16
C TRP A 100 -21.88 6.05 -2.20
N GLU A 101 -21.42 7.29 -2.03
CA GLU A 101 -21.65 8.35 -2.99
C GLU A 101 -20.35 9.07 -3.26
N LEU A 102 -20.30 9.74 -4.40
CA LEU A 102 -19.08 10.37 -4.90
C LEU A 102 -19.42 11.75 -5.47
N ILE A 103 -18.60 12.73 -5.09
CA ILE A 103 -18.61 14.05 -5.70
C ILE A 103 -17.29 14.25 -6.42
N CYS A 104 -17.36 14.80 -7.62
CA CYS A 104 -16.20 15.18 -8.41
C CYS A 104 -16.20 16.69 -8.58
N GLY A 105 -15.08 17.33 -8.23
CA GLY A 105 -14.98 18.77 -8.33
C GLY A 105 -13.70 19.22 -8.99
N ASP A 106 -13.80 20.23 -9.85
CA ASP A 106 -12.63 20.82 -10.49
C ASP A 106 -12.86 22.30 -10.71
N ILE A 107 -11.76 23.07 -10.73
CA ILE A 107 -11.87 24.52 -10.93
C ILE A 107 -12.30 24.81 -12.37
N SER A 108 -11.97 23.94 -13.31
CA SER A 108 -12.31 24.17 -14.71
C SER A 108 -13.70 23.64 -15.04
N ALA A 109 -14.46 24.44 -15.80
CA ALA A 109 -15.80 24.03 -16.23
C ALA A 109 -15.75 23.05 -17.40
N GLU A 110 -14.73 23.14 -18.25
CA GLU A 110 -14.60 22.17 -19.33
C GLU A 110 -14.36 20.77 -18.78
N LEU A 111 -13.47 20.64 -17.80
CA LEU A 111 -13.17 19.35 -17.22
C LEU A 111 -14.36 18.80 -16.42
N THR A 112 -14.94 19.63 -15.55
CA THR A 112 -16.16 19.21 -14.85
C THR A 112 -17.21 18.72 -15.84
N GLY A 113 -17.43 19.45 -16.94
CA GLY A 113 -18.43 19.02 -17.91
C GLY A 113 -18.09 17.68 -18.53
N HIS A 114 -16.79 17.43 -18.75
CA HIS A 114 -16.36 16.12 -19.22
C HIS A 114 -16.69 15.04 -18.21
N VAL A 115 -16.48 15.30 -16.93
CA VAL A 115 -16.81 14.28 -15.94
C VAL A 115 -18.32 14.09 -15.87
N LYS A 116 -19.08 15.19 -15.99
CA LYS A 116 -20.54 15.10 -15.93
C LYS A 116 -21.08 14.27 -17.08
N ARG A 117 -20.52 14.45 -18.30
CA ARG A 117 -20.94 13.55 -19.38
C ARG A 117 -20.52 12.11 -19.11
N LYS A 118 -19.37 11.91 -18.46
CA LYS A 118 -18.96 10.56 -18.08
C LYS A 118 -19.93 9.93 -17.07
N ILE A 119 -20.35 10.71 -16.06
CA ILE A 119 -21.35 10.19 -15.12
C ILE A 119 -22.59 9.70 -15.87
N ILE A 120 -23.03 10.48 -16.86
CA ILE A 120 -24.28 10.12 -17.55
C ILE A 120 -24.10 8.93 -18.47
N GLU A 121 -23.02 8.94 -19.27
CA GLU A 121 -22.74 7.83 -20.17
C GLU A 121 -22.52 6.52 -19.40
N GLU A 122 -21.80 6.58 -18.29
CA GLU A 122 -21.51 5.35 -17.57
C GLU A 122 -22.61 4.97 -16.59
N GLY A 123 -23.61 5.83 -16.39
CA GLY A 123 -24.69 5.51 -15.47
C GLY A 123 -24.31 5.50 -14.00
N TRP A 124 -23.46 6.44 -13.57
CA TRP A 124 -23.03 6.57 -12.18
C TRP A 124 -24.09 7.32 -11.37
N THR A 125 -25.13 6.58 -10.95
CA THR A 125 -26.26 7.23 -10.28
C THR A 125 -25.87 7.81 -8.93
N ASN A 126 -24.83 7.29 -8.29
CA ASN A 126 -24.39 7.76 -6.98
C ASN A 126 -23.33 8.86 -7.05
N SER A 127 -23.05 9.40 -8.24
CA SER A 127 -21.97 10.36 -8.45
C SER A 127 -22.51 11.66 -9.01
N SER A 128 -21.87 12.77 -8.64
CA SER A 128 -22.24 14.08 -9.18
C SER A 128 -20.97 14.92 -9.35
N ALA A 129 -21.00 15.85 -10.29
CA ALA A 129 -19.84 16.68 -10.62
C ALA A 129 -20.19 18.16 -10.46
N ARG A 130 -19.26 18.94 -9.89
CA ARG A 130 -19.49 20.37 -9.68
C ARG A 130 -18.18 21.15 -9.80
N VAL A 131 -18.27 22.40 -10.28
CA VAL A 131 -17.12 23.29 -10.32
C VAL A 131 -16.82 23.75 -8.89
N MET A 132 -15.57 23.59 -8.45
CA MET A 132 -15.24 24.00 -7.10
C MET A 132 -13.77 24.38 -7.02
N ASP A 133 -13.48 25.25 -6.04
CA ASP A 133 -12.12 25.65 -5.69
C ASP A 133 -11.67 24.82 -4.49
N ALA A 134 -10.62 24.03 -4.68
CA ALA A 134 -10.05 23.25 -3.59
C ALA A 134 -9.62 24.11 -2.39
N GLN A 135 -9.31 25.38 -2.60
CA GLN A 135 -8.96 26.23 -1.47
C GLN A 135 -10.17 26.68 -0.65
N ASN A 136 -11.38 26.40 -1.12
CA ASN A 136 -12.58 26.85 -0.43
C ASN A 136 -13.78 26.19 -1.08
N THR A 137 -14.12 24.98 -0.61
CA THR A 137 -15.02 24.11 -1.37
C THR A 137 -16.49 24.44 -1.20
N GLU A 138 -16.87 25.17 -0.16
CA GLU A 138 -18.28 25.41 0.15
C GLU A 138 -19.09 24.13 0.34
N LEU A 139 -18.43 22.99 0.53
CA LEU A 139 -19.12 21.80 1.00
C LEU A 139 -19.28 21.86 2.51
N ALA A 140 -20.20 21.05 3.04
CA ALA A 140 -20.55 21.15 4.44
C ALA A 140 -19.46 20.58 5.34
N THR A 141 -19.33 21.15 6.53
CA THR A 141 -18.35 20.70 7.51
C THR A 141 -18.63 19.27 7.95
N ALA A 142 -17.57 18.46 7.98
CA ALA A 142 -17.60 17.16 8.66
C ALA A 142 -18.63 16.20 8.07
N GLU A 143 -18.73 16.13 6.74
CA GLU A 143 -19.62 15.10 6.18
C GLU A 143 -19.02 14.34 4.99
N LEU A 144 -17.70 14.35 4.83
CA LEU A 144 -17.04 13.45 3.89
C LEU A 144 -16.28 12.39 4.67
N THR A 145 -16.25 11.16 4.16
CA THR A 145 -15.39 10.17 4.79
C THR A 145 -13.99 10.15 4.18
N HIS A 146 -13.87 10.48 2.90
CA HIS A 146 -12.59 10.43 2.18
C HIS A 146 -12.53 11.56 1.16
N VAL A 147 -11.38 12.24 1.09
CA VAL A 147 -11.06 13.22 0.04
C VAL A 147 -9.83 12.71 -0.70
N PHE A 148 -9.92 12.63 -2.04
CA PHE A 148 -8.84 12.19 -2.92
C PHE A 148 -8.44 13.35 -3.81
N ALA A 149 -7.15 13.64 -3.91
CA ALA A 149 -6.72 14.74 -4.76
C ALA A 149 -5.45 14.27 -5.46
N ALA A 150 -5.60 13.75 -6.68
CA ALA A 150 -4.47 13.15 -7.40
C ALA A 150 -3.76 14.21 -8.23
N LEU A 151 -2.45 14.36 -8.00
CA LEU A 151 -1.54 15.17 -8.82
C LEU A 151 -2.05 16.61 -9.03
N ALA A 152 -2.47 17.24 -7.93
CA ALA A 152 -3.09 18.56 -8.04
C ALA A 152 -2.55 19.56 -7.04
N TRP A 153 -2.09 19.12 -5.86
CA TRP A 153 -1.84 20.06 -4.77
C TRP A 153 -0.81 21.12 -5.14
N THR A 154 0.18 20.76 -5.95
CA THR A 154 1.16 21.73 -6.43
C THR A 154 0.55 22.86 -7.24
N SER A 155 -0.68 22.69 -7.74
CA SER A 155 -1.31 23.76 -8.53
C SER A 155 -2.03 24.78 -7.68
N PHE A 156 -2.26 24.48 -6.42
CA PHE A 156 -3.05 25.35 -5.56
C PHE A 156 -2.20 26.56 -5.13
N PRO A 157 -2.64 27.79 -5.39
CA PRO A 157 -1.85 28.96 -4.92
C PRO A 157 -1.71 29.06 -3.41
N ASP A 158 -2.73 28.67 -2.65
CA ASP A 158 -2.72 28.68 -1.17
C ASP A 158 -2.89 27.25 -0.72
N THR A 159 -1.77 26.54 -0.54
CA THR A 159 -1.86 25.12 -0.27
C THR A 159 -2.31 24.87 1.17
N TYR A 160 -2.05 25.80 2.08
CA TYR A 160 -2.52 25.59 3.46
C TYR A 160 -4.02 25.80 3.55
N ALA A 161 -4.54 26.77 2.81
CA ALA A 161 -5.98 26.98 2.81
C ALA A 161 -6.71 25.77 2.27
N ALA A 162 -6.15 25.11 1.23
CA ALA A 162 -6.77 23.89 0.74
C ALA A 162 -6.69 22.77 1.78
N LEU A 163 -5.59 22.68 2.54
CA LEU A 163 -5.53 21.64 3.57
C LEU A 163 -6.55 21.88 4.67
N LYS A 164 -6.71 23.12 5.13
CA LYS A 164 -7.66 23.40 6.19
C LYS A 164 -9.09 23.17 5.71
N ASP A 165 -9.37 23.47 4.45
CA ASP A 165 -10.70 23.25 3.92
C ASP A 165 -11.03 21.76 3.87
N SER A 166 -10.11 20.96 3.32
CA SER A 166 -10.27 19.51 3.28
C SER A 166 -10.39 18.92 4.67
N LEU A 167 -9.60 19.43 5.62
CA LEU A 167 -9.77 19.05 7.01
C LEU A 167 -11.16 19.39 7.50
N ARG A 168 -11.66 20.57 7.15
CA ARG A 168 -12.98 20.99 7.63
C ARG A 168 -14.09 20.08 7.09
N ILE A 169 -14.04 19.76 5.79
CA ILE A 169 -15.15 18.99 5.19
C ILE A 169 -15.11 17.51 5.52
N LEU A 170 -14.03 17.02 6.11
CA LEU A 170 -13.96 15.65 6.55
C LEU A 170 -14.65 15.47 7.89
N ARG A 171 -15.28 14.31 8.04
CA ARG A 171 -15.81 13.88 9.33
C ARG A 171 -14.65 13.41 10.20
N PRO A 172 -14.82 13.41 11.52
CA PRO A 172 -13.78 12.83 12.39
C PRO A 172 -13.47 11.38 11.99
N GLY A 173 -12.18 11.07 11.97
CA GLY A 173 -11.72 9.81 11.41
C GLY A 173 -11.61 9.77 9.90
N GLY A 174 -12.03 10.82 9.18
CA GLY A 174 -11.95 10.83 7.74
C GLY A 174 -10.53 11.03 7.26
N THR A 175 -10.27 10.69 6.00
CA THR A 175 -8.93 10.61 5.44
C THR A 175 -8.77 11.47 4.18
N LEU A 176 -7.69 12.25 4.14
CA LEU A 176 -7.29 12.96 2.95
C LEU A 176 -6.10 12.23 2.33
N THR A 177 -6.16 11.92 1.04
CA THR A 177 -5.11 11.16 0.36
C THR A 177 -4.72 11.91 -0.91
N ILE A 178 -3.43 12.21 -1.08
CA ILE A 178 -2.99 13.07 -2.18
C ILE A 178 -1.78 12.49 -2.88
N SER A 179 -1.52 12.97 -4.09
CA SER A 179 -0.25 12.63 -4.73
C SER A 179 0.24 13.85 -5.47
N THR A 180 1.57 13.95 -5.60
CA THR A 180 2.18 15.06 -6.33
C THR A 180 3.38 14.52 -7.11
N TRP A 181 3.71 15.15 -8.23
CA TRP A 181 4.82 14.65 -9.04
C TRP A 181 6.14 14.90 -8.34
N GLN A 182 7.05 13.94 -8.46
CA GLN A 182 8.42 14.17 -8.05
C GLN A 182 9.42 14.12 -9.21
N LYS A 183 9.27 13.16 -10.13
CA LYS A 183 10.08 13.08 -11.33
C LYS A 183 9.20 12.61 -12.46
N THR A 184 9.16 13.40 -13.55
CA THR A 184 8.38 13.07 -14.75
C THR A 184 9.32 13.07 -15.94
N GLU A 185 9.59 11.88 -16.47
CA GLU A 185 10.71 11.65 -17.35
C GLU A 185 10.53 12.18 -18.76
N TRP A 186 9.36 12.72 -19.12
CA TRP A 186 9.28 13.41 -20.40
C TRP A 186 10.23 14.60 -20.45
N LEU A 187 10.45 15.24 -19.31
CA LEU A 187 11.31 16.40 -19.25
C LEU A 187 12.71 16.11 -19.78
N GLY A 188 13.28 14.94 -19.48
CA GLY A 188 14.62 14.63 -19.94
C GLY A 188 14.70 14.38 -21.43
N VAL A 189 13.63 13.84 -22.01
CA VAL A 189 13.57 13.67 -23.46
C VAL A 189 13.53 15.02 -24.15
N LEU A 190 12.80 15.98 -23.59
CA LEU A 190 12.81 17.33 -24.13
C LEU A 190 14.18 17.97 -23.95
N GLU A 191 14.80 17.77 -22.80
CA GLU A 191 16.16 18.30 -22.59
C GLU A 191 17.11 17.84 -23.70
N ALA A 192 17.07 16.56 -24.04
CA ALA A 192 17.97 16.04 -25.08
C ALA A 192 17.64 16.64 -26.44
N ALA A 193 16.34 16.80 -26.74
CA ALA A 193 15.95 17.50 -27.96
C ALA A 193 16.54 18.90 -28.01
N VAL A 194 16.40 19.66 -26.92
CA VAL A 194 16.87 21.04 -26.90
C VAL A 194 18.39 21.12 -27.05
N LYS A 195 19.11 20.09 -26.62
CA LYS A 195 20.57 20.07 -26.78
C LYS A 195 20.98 20.05 -28.25
N THR A 196 20.17 19.44 -29.11
CA THR A 196 20.51 19.41 -30.53
C THR A 196 20.27 20.76 -31.21
N ILE A 197 19.75 21.75 -30.50
CA ILE A 197 19.49 23.06 -31.12
C ILE A 197 20.81 23.83 -31.21
N PRO A 198 21.12 24.45 -32.38
CA PRO A 198 22.47 25.03 -32.59
C PRO A 198 22.77 26.26 -31.76
N THR A 199 22.67 26.14 -30.43
CA THR A 199 22.99 27.20 -29.47
C THR A 199 22.97 26.58 -28.08
N ARG A 200 23.90 26.97 -27.20
CA ARG A 200 23.81 26.51 -25.82
C ARG A 200 22.63 27.21 -25.13
N LEU A 201 21.57 26.46 -24.86
CA LEU A 201 20.39 27.11 -24.30
C LEU A 201 20.08 26.56 -22.90
N PRO A 202 19.63 27.41 -21.98
CA PRO A 202 19.31 26.92 -20.63
C PRO A 202 18.19 25.91 -20.69
N PHE A 203 18.24 24.94 -19.78
CA PHE A 203 17.15 23.98 -19.61
C PHE A 203 17.10 23.55 -18.15
N PRO A 204 15.92 23.46 -17.55
CA PRO A 204 15.85 23.15 -16.11
C PRO A 204 15.99 21.67 -15.81
N THR A 205 16.69 21.38 -14.72
CA THR A 205 16.66 20.05 -14.12
C THR A 205 15.26 19.75 -13.58
N THR A 206 15.05 18.47 -13.25
CA THR A 206 13.78 18.07 -12.62
C THR A 206 13.50 18.89 -11.38
N LYS A 207 14.49 19.02 -10.49
CA LYS A 207 14.33 19.81 -9.27
C LYS A 207 13.96 21.25 -9.57
N GLU A 208 14.64 21.88 -10.54
CA GLU A 208 14.33 23.26 -10.90
C GLU A 208 12.91 23.35 -11.48
N PHE A 209 12.55 22.42 -12.35
CA PHE A 209 11.22 22.42 -12.92
C PHE A 209 10.15 22.20 -11.87
N MET A 210 10.21 21.04 -11.19
CA MET A 210 9.21 20.70 -10.16
C MET A 210 9.04 21.83 -9.15
N SER A 211 10.13 22.54 -8.84
CA SER A 211 10.14 23.64 -7.88
C SER A 211 9.63 24.96 -8.46
N CYS A 212 9.11 24.98 -9.68
CA CYS A 212 8.68 26.23 -10.27
C CYS A 212 7.52 26.84 -9.49
N MET A 213 6.50 26.06 -9.18
CA MET A 213 5.42 26.50 -8.32
C MET A 213 5.30 25.55 -7.15
N ASN A 214 5.07 26.12 -5.96
CA ASN A 214 4.99 25.37 -4.71
C ASN A 214 6.19 24.43 -4.57
N PRO A 215 7.40 24.96 -4.37
CA PRO A 215 8.54 24.09 -4.14
C PRO A 215 8.36 23.26 -2.89
N GLY A 216 8.96 22.08 -2.89
CA GLY A 216 8.97 21.20 -1.75
C GLY A 216 7.95 20.07 -1.81
N TRP A 217 6.88 20.23 -2.60
CA TRP A 217 5.86 19.18 -2.70
C TRP A 217 6.33 17.96 -3.47
N ASP A 218 7.49 18.02 -4.11
CA ASP A 218 8.10 16.85 -4.73
C ASP A 218 8.88 16.03 -3.72
N ASP A 219 8.81 16.40 -2.44
CA ASP A 219 9.61 15.81 -1.38
C ASP A 219 8.67 15.22 -0.35
N GLU A 220 8.80 13.93 -0.08
CA GLU A 220 7.86 13.26 0.83
C GLU A 220 7.96 13.78 2.25
N ASN A 221 9.15 14.22 2.68
CA ASN A 221 9.28 14.75 4.04
C ASN A 221 8.65 16.12 4.18
N TYR A 222 8.85 17.00 3.20
CA TYR A 222 8.16 18.28 3.22
C TYR A 222 6.64 18.09 3.24
N VAL A 223 6.14 17.17 2.40
CA VAL A 223 4.69 16.98 2.29
C VAL A 223 4.11 16.52 3.63
N ARG A 224 4.74 15.53 4.26
CA ARG A 224 4.26 15.05 5.55
C ARG A 224 4.21 16.17 6.58
N GLY A 225 5.26 16.98 6.64
CA GLY A 225 5.26 18.09 7.57
C GLY A 225 4.14 19.09 7.31
N ARG A 226 3.85 19.38 6.04
CA ARG A 226 2.77 20.31 5.73
C ARG A 226 1.42 19.78 6.20
N LEU A 227 1.17 18.48 6.04
CA LEU A 227 -0.12 17.93 6.49
C LEU A 227 -0.18 17.91 8.01
N GLU A 228 0.95 17.65 8.67
CA GLU A 228 1.01 17.68 10.13
C GLU A 228 0.81 19.09 10.65
N GLU A 229 1.43 20.08 10.01
CA GLU A 229 1.27 21.46 10.46
C GLU A 229 -0.16 21.96 10.27
N ALA A 230 -0.91 21.39 9.33
CA ALA A 230 -2.30 21.79 9.13
C ALA A 230 -3.27 21.14 10.10
N GLY A 231 -2.83 20.18 10.89
CA GLY A 231 -3.66 19.53 11.87
C GLY A 231 -4.13 18.14 11.56
N PHE A 232 -3.70 17.55 10.44
CA PHE A 232 -3.99 16.13 10.19
C PHE A 232 -3.17 15.30 11.14
N VAL A 233 -3.70 14.12 11.51
CA VAL A 233 -2.94 13.19 12.34
C VAL A 233 -2.70 11.92 11.55
N HIS A 234 -1.81 11.08 12.07
CA HIS A 234 -1.47 9.81 11.45
C HIS A 234 -1.12 10.04 9.99
N VAL A 235 -0.31 11.06 9.78
CA VAL A 235 0.11 11.44 8.45
C VAL A 235 1.18 10.46 7.99
N TYR A 236 1.03 9.92 6.78
CA TYR A 236 2.04 9.05 6.21
C TYR A 236 2.36 9.52 4.80
N SER A 237 3.64 9.47 4.47
CA SER A 237 4.15 9.94 3.19
C SER A 237 5.08 8.89 2.60
N THR A 238 5.02 8.73 1.28
CA THR A 238 5.93 7.80 0.61
C THR A 238 6.07 8.23 -0.85
N THR A 239 6.89 7.47 -1.58
CA THR A 239 7.23 7.76 -2.96
C THR A 239 6.98 6.50 -3.79
N ILE A 240 6.27 6.62 -4.91
CA ILE A 240 5.92 5.45 -5.72
C ILE A 240 6.20 5.73 -7.19
N SER A 241 6.94 4.83 -7.83
CA SER A 241 7.26 4.92 -9.25
C SER A 241 6.42 3.95 -10.09
N LYS A 242 6.20 4.34 -11.34
CA LYS A 242 5.59 3.48 -12.35
C LYS A 242 6.44 3.50 -13.59
N GLU A 243 6.64 2.33 -14.16
CA GLU A 243 7.36 2.19 -15.42
C GLU A 243 6.35 1.82 -16.50
N PHE A 244 6.42 2.51 -17.63
CA PHE A 244 5.44 2.34 -18.69
C PHE A 244 6.07 2.82 -19.98
N GLN A 245 5.38 2.58 -21.09
CA GLN A 245 5.81 3.11 -22.37
C GLN A 245 4.78 4.09 -22.89
N ILE A 246 5.23 5.16 -23.51
CA ILE A 246 4.37 6.17 -24.09
C ILE A 246 4.74 6.31 -25.56
N SER A 247 3.74 6.52 -26.43
CA SER A 247 4.03 6.71 -27.84
C SER A 247 4.77 8.03 -28.06
N THR A 248 5.70 8.02 -29.03
CA THR A 248 6.35 9.27 -29.43
C THR A 248 5.34 10.39 -29.66
N ALA A 249 4.23 10.09 -30.34
CA ALA A 249 3.24 11.12 -30.60
C ALA A 249 2.68 11.65 -29.28
N ASP A 250 2.36 10.77 -28.34
CA ASP A 250 1.86 11.23 -27.05
C ASP A 250 2.91 12.07 -26.32
N LEU A 251 4.18 11.69 -26.40
CA LEU A 251 5.22 12.47 -25.73
C LEU A 251 5.32 13.86 -26.34
N TYR A 252 5.21 13.96 -27.66
CA TYR A 252 5.15 15.27 -28.30
C TYR A 252 3.99 16.10 -27.75
N LYS A 253 2.78 15.52 -27.73
CA LYS A 253 1.62 16.30 -27.30
C LYS A 253 1.72 16.70 -25.82
N ILE A 254 2.39 15.91 -24.99
CA ILE A 254 2.61 16.30 -23.59
C ILE A 254 3.56 17.49 -23.51
N ALA A 255 4.66 17.45 -24.25
CA ALA A 255 5.67 18.51 -24.15
C ALA A 255 5.16 19.82 -24.71
N ALA A 256 4.31 19.77 -25.74
CA ALA A 256 3.95 20.98 -26.49
C ALA A 256 3.34 22.09 -25.62
N PRO A 257 2.36 21.83 -24.75
CA PRO A 257 1.81 22.92 -23.94
C PRO A 257 2.78 23.46 -22.92
N VAL A 258 3.80 22.69 -22.55
CA VAL A 258 4.73 23.12 -21.49
C VAL A 258 5.88 23.96 -22.04
N ILE A 259 6.19 23.85 -23.33
CA ILE A 259 7.30 24.63 -23.90
C ILE A 259 7.20 26.11 -23.57
N PRO A 260 6.11 26.83 -23.88
CA PRO A 260 6.08 28.27 -23.56
C PRO A 260 6.30 28.58 -22.09
N ILE A 261 5.92 27.69 -21.18
CA ILE A 261 6.19 27.90 -19.76
C ILE A 261 7.69 27.82 -19.50
N ILE A 262 8.33 26.77 -19.99
CA ILE A 262 9.77 26.62 -19.80
C ILE A 262 10.51 27.82 -20.35
N VAL A 263 10.14 28.23 -21.57
CA VAL A 263 10.83 29.34 -22.24
C VAL A 263 10.68 30.64 -21.43
N SER A 264 9.48 30.93 -20.95
CA SER A 264 9.26 32.17 -20.24
C SER A 264 10.07 32.24 -18.95
N LYS A 265 10.25 31.12 -18.26
CA LYS A 265 10.90 31.20 -16.96
C LYS A 265 12.42 31.03 -17.02
N TRP A 266 12.94 30.26 -17.97
CA TRP A 266 14.37 30.00 -18.00
C TRP A 266 15.11 30.57 -19.20
N TRP A 267 14.42 31.08 -20.20
CA TRP A 267 15.08 31.72 -21.33
C TRP A 267 14.94 33.23 -21.20
N THR A 268 15.98 33.95 -21.64
CA THR A 268 15.81 35.39 -21.82
C THR A 268 14.84 35.65 -22.96
N THR A 269 14.32 36.89 -23.00
CA THR A 269 13.44 37.26 -24.10
C THR A 269 14.17 37.21 -25.44
N GLU A 270 15.46 37.56 -25.48
CA GLU A 270 16.20 37.41 -26.73
C GLU A 270 16.22 35.95 -27.17
N GLN A 271 16.48 35.02 -26.23
CA GLN A 271 16.48 33.59 -26.57
C GLN A 271 15.09 33.11 -26.98
N LYS A 272 14.04 33.53 -26.27
CA LYS A 272 12.68 33.17 -26.65
C LYS A 272 12.39 33.57 -28.09
N GLU A 273 12.71 34.82 -28.46
CA GLU A 273 12.32 35.33 -29.78
C GLU A 273 13.17 34.71 -30.89
N ALA A 274 14.40 34.30 -30.57
CA ALA A 274 15.28 33.71 -31.56
C ALA A 274 15.07 32.22 -31.74
N HIS A 275 14.60 31.50 -30.72
CA HIS A 275 14.69 30.04 -30.79
C HIS A 275 13.47 29.24 -30.32
N GLU A 276 12.40 29.85 -29.79
CA GLU A 276 11.27 29.04 -29.35
C GLU A 276 10.69 28.21 -30.48
N HIS A 277 10.50 28.83 -31.65
CA HIS A 277 10.01 28.13 -32.84
C HIS A 277 10.84 26.92 -33.23
N GLU A 278 12.05 26.75 -32.68
CA GLU A 278 12.88 25.59 -33.00
C GLU A 278 12.68 24.40 -32.06
N ILE A 279 12.05 24.61 -30.90
CA ILE A 279 11.94 23.51 -29.93
C ILE A 279 11.08 22.38 -30.48
N LEU A 280 9.82 22.66 -30.84
CA LEU A 280 8.94 21.57 -31.28
C LEU A 280 9.50 20.82 -32.48
N PRO A 281 9.94 21.48 -33.57
CA PRO A 281 10.63 20.73 -34.64
C PRO A 281 11.78 19.84 -34.16
N ALA A 282 12.58 20.26 -33.19
CA ALA A 282 13.70 19.43 -32.78
C ALA A 282 13.25 18.26 -31.90
N LEU A 283 12.21 18.44 -31.09
CA LEU A 283 11.68 17.31 -30.33
C LEU A 283 11.21 16.20 -31.26
N ALA A 284 10.39 16.55 -32.25
CA ALA A 284 9.92 15.56 -33.21
C ALA A 284 11.08 14.85 -33.90
N LYS A 285 12.10 15.62 -34.31
CA LYS A 285 13.26 15.04 -34.96
C LYS A 285 13.99 14.07 -34.03
N HIS A 286 14.17 14.46 -32.78
CA HIS A 286 14.87 13.61 -31.81
C HIS A 286 14.05 12.36 -31.46
N LEU A 287 12.73 12.50 -31.32
CA LEU A 287 11.89 11.33 -31.01
C LEU A 287 12.04 10.23 -32.06
N GLU A 288 11.86 10.56 -33.34
CA GLU A 288 11.87 9.52 -34.36
C GLU A 288 13.27 8.93 -34.54
N ALA A 289 14.31 9.76 -34.49
CA ALA A 289 15.66 9.21 -34.61
C ALA A 289 15.99 8.29 -33.45
N THR A 290 15.47 8.57 -32.26
CA THR A 290 15.82 7.76 -31.09
C THR A 290 14.84 6.63 -30.83
N TYR A 291 13.54 6.85 -31.06
CA TYR A 291 12.51 5.88 -30.68
C TYR A 291 11.63 5.45 -31.86
N GLY A 292 12.10 5.66 -33.09
CA GLY A 292 11.26 5.46 -34.25
C GLY A 292 11.09 4.02 -34.73
N GLU A 293 11.90 3.08 -34.25
CA GLU A 293 11.77 1.70 -34.71
C GLU A 293 10.49 1.08 -34.20
N THR A 294 10.15 1.34 -32.92
CA THR A 294 8.91 0.87 -32.34
C THR A 294 7.90 1.98 -32.06
N GLY A 295 8.32 3.25 -32.07
CA GLY A 295 7.43 4.34 -31.72
C GLY A 295 7.05 4.41 -30.27
N LEU A 296 7.75 3.69 -29.39
CA LEU A 296 7.45 3.64 -27.97
C LEU A 296 8.61 4.25 -27.19
N VAL A 297 8.28 5.03 -26.16
CA VAL A 297 9.32 5.64 -25.33
C VAL A 297 9.19 5.05 -23.93
N PRO A 298 10.19 4.30 -23.46
CA PRO A 298 10.16 3.82 -22.09
C PRO A 298 10.24 4.98 -21.12
N GLN A 299 9.43 4.92 -20.08
CA GLN A 299 9.27 6.03 -19.16
C GLN A 299 9.20 5.50 -17.75
N LYS A 300 9.72 6.29 -16.82
CA LYS A 300 9.64 6.00 -15.39
C LYS A 300 9.31 7.31 -14.69
N TRP A 301 8.10 7.40 -14.14
CA TRP A 301 7.66 8.57 -13.41
C TRP A 301 7.43 8.22 -11.96
N THR A 302 7.66 9.19 -11.08
CA THR A 302 7.62 8.99 -9.64
C THR A 302 6.78 10.09 -9.04
N ALA A 303 5.88 9.71 -8.10
CA ALA A 303 5.02 10.67 -7.41
C ALA A 303 5.17 10.46 -5.91
N VAL A 304 5.05 11.52 -5.14
CA VAL A 304 4.93 11.27 -3.71
C VAL A 304 3.46 11.06 -3.43
N PHE A 305 3.15 10.10 -2.56
CA PHE A 305 1.80 9.88 -2.06
C PHE A 305 1.77 10.23 -0.59
N ALA A 306 0.66 10.78 -0.12
CA ALA A 306 0.56 11.08 1.31
C ALA A 306 -0.88 10.98 1.77
N LYS A 307 -1.04 10.62 3.03
CA LYS A 307 -2.37 10.50 3.63
C LYS A 307 -2.30 11.11 5.03
N GLY A 308 -3.42 11.73 5.40
CA GLY A 308 -3.62 12.27 6.74
C GLY A 308 -5.07 12.10 7.16
N GLU A 309 -5.29 12.09 8.46
CA GLU A 309 -6.62 11.80 9.00
C GLU A 309 -7.09 12.94 9.89
N LYS A 310 -8.39 13.16 9.91
CA LYS A 310 -8.96 14.10 10.86
C LYS A 310 -9.13 13.41 12.21
N GLU A 311 -8.67 14.08 13.28
CA GLU A 311 -8.67 13.47 14.60
C GLU A 311 -10.08 13.12 15.06
N LYS A 312 -10.17 11.99 15.76
CA LYS A 312 -11.37 11.37 16.36
C LYS A 312 -11.95 10.36 15.38
N LEU B 41 5.76 -29.39 13.61
CA LEU B 41 6.12 -29.27 12.19
C LEU B 41 5.08 -29.91 11.29
N GLU B 42 4.57 -31.08 11.69
CA GLU B 42 3.54 -31.75 10.90
C GLU B 42 2.33 -30.86 10.69
N THR B 43 2.03 -30.01 11.66
CA THR B 43 0.85 -29.16 11.60
C THR B 43 1.14 -27.78 11.00
N TYR B 44 2.39 -27.31 11.02
CA TYR B 44 2.71 -26.04 10.37
C TYR B 44 2.64 -26.12 8.84
N MET B 45 2.79 -27.33 8.29
CA MET B 45 2.78 -27.47 6.84
C MET B 45 1.37 -27.36 6.29
N ILE B 46 0.36 -27.71 7.07
CA ILE B 46 -1.01 -27.40 6.68
C ILE B 46 -1.27 -25.89 6.82
N ALA B 47 -0.64 -25.26 7.82
CA ALA B 47 -0.83 -23.84 8.06
C ALA B 47 -0.23 -22.97 6.97
N GLU B 48 0.85 -23.41 6.32
CA GLU B 48 1.51 -22.53 5.35
C GLU B 48 0.70 -22.34 4.08
N LYS B 49 -0.20 -23.28 3.77
CA LYS B 49 -1.10 -23.13 2.62
C LYS B 49 -1.91 -21.84 2.72
N ILE B 50 -2.37 -21.49 3.93
CA ILE B 50 -3.10 -20.24 4.12
C ILE B 50 -2.14 -19.08 4.17
N THR B 51 -1.08 -19.22 4.95
CA THR B 51 -0.22 -18.07 5.23
C THR B 51 0.53 -17.59 3.99
N ARG B 52 0.62 -18.43 2.93
CA ARG B 52 1.22 -17.97 1.67
C ARG B 52 0.40 -16.89 1.00
N TYR B 53 -0.91 -16.83 1.28
CA TYR B 53 -1.76 -15.84 0.63
C TYR B 53 -1.41 -14.43 1.04
N PHE B 54 -0.66 -14.26 2.12
CA PHE B 54 -0.39 -12.95 2.67
C PHE B 54 1.06 -12.50 2.52
N THR B 55 1.94 -13.30 1.91
CA THR B 55 3.33 -12.88 1.87
C THR B 55 3.55 -11.81 0.80
N ARG B 56 2.91 -11.94 -0.35
CA ARG B 56 3.13 -10.96 -1.42
C ARG B 56 2.81 -9.55 -0.96
N ASP B 57 1.72 -9.36 -0.23
CA ASP B 57 1.37 -8.02 0.23
C ASP B 57 2.32 -7.52 1.32
N LEU B 58 2.84 -8.42 2.14
CA LEU B 58 3.87 -8.04 3.10
C LEU B 58 5.07 -7.42 2.38
N ILE B 59 5.59 -8.12 1.37
CA ILE B 59 6.75 -7.60 0.63
C ILE B 59 6.40 -6.32 -0.10
N GLU B 60 5.22 -6.28 -0.74
CA GLU B 60 4.75 -5.06 -1.40
C GLU B 60 4.74 -3.87 -0.45
N LEU B 61 4.19 -4.06 0.74
CA LEU B 61 4.05 -2.96 1.70
C LEU B 61 5.41 -2.42 2.18
N SER B 62 6.42 -3.28 2.26
CA SER B 62 7.70 -2.91 2.85
C SER B 62 8.40 -1.80 2.07
N GLY B 63 8.34 -1.86 0.74
CA GLY B 63 9.12 -0.96 -0.10
C GLY B 63 10.39 -1.57 -0.65
N LEU B 64 10.54 -2.88 -0.55
CA LEU B 64 11.77 -3.55 -0.95
C LEU B 64 11.99 -3.48 -2.46
N LEU B 65 10.93 -3.69 -3.27
CA LEU B 65 11.14 -3.87 -4.69
C LEU B 65 11.56 -2.59 -5.38
N GLU B 66 11.19 -1.42 -4.85
CA GLU B 66 11.77 -0.20 -5.37
C GLU B 66 12.62 0.48 -4.31
N SER B 67 13.47 -0.30 -3.66
CA SER B 67 14.40 0.21 -2.67
C SER B 67 15.76 0.44 -3.30
N GLU B 68 16.41 1.53 -2.89
CA GLU B 68 17.76 1.86 -3.33
C GLU B 68 18.79 1.71 -2.22
N LEU B 69 18.43 1.13 -1.08
CA LEU B 69 19.42 0.78 -0.08
C LEU B 69 20.37 -0.25 -0.69
N SER B 70 21.67 -0.09 -0.44
CA SER B 70 22.64 -0.95 -1.10
C SER B 70 23.79 -1.35 -0.19
N PRO B 71 24.19 -2.63 -0.21
CA PRO B 71 23.39 -3.66 -0.86
C PRO B 71 22.25 -4.01 0.08
N LEU B 72 21.27 -4.79 -0.38
CA LEU B 72 20.11 -5.12 0.45
C LEU B 72 20.41 -6.35 1.29
N LYS B 73 20.06 -6.30 2.58
CA LYS B 73 20.22 -7.43 3.48
C LYS B 73 18.93 -7.60 4.27
N LEU B 74 18.28 -8.73 4.09
CA LEU B 74 16.94 -8.95 4.60
C LEU B 74 16.98 -9.95 5.75
N LEU B 75 16.02 -9.81 6.67
CA LEU B 75 15.79 -10.83 7.69
C LEU B 75 14.33 -11.23 7.65
N ASP B 76 14.09 -12.52 7.43
CA ASP B 76 12.77 -13.13 7.54
C ASP B 76 12.68 -13.63 8.97
N LEU B 77 12.14 -12.79 9.85
CA LEU B 77 12.14 -13.08 11.28
C LEU B 77 10.93 -13.92 11.65
N ALA B 78 11.16 -14.95 12.46
CA ALA B 78 10.14 -15.93 12.81
C ALA B 78 9.56 -16.55 11.54
N CYS B 79 10.47 -17.02 10.67
CA CYS B 79 10.13 -17.45 9.32
C CYS B 79 9.18 -18.65 9.28
N GLY B 80 9.01 -19.37 10.39
CA GLY B 80 8.28 -20.62 10.32
C GLY B 80 8.91 -21.54 9.27
N THR B 81 8.08 -22.03 8.35
CA THR B 81 8.58 -22.89 7.28
C THR B 81 9.17 -22.09 6.13
N GLY B 82 9.28 -20.76 6.27
CA GLY B 82 9.99 -19.95 5.30
C GLY B 82 9.15 -19.42 4.18
N VAL B 83 7.86 -19.17 4.41
CA VAL B 83 7.00 -18.79 3.30
C VAL B 83 7.30 -17.38 2.84
N VAL B 84 7.69 -16.47 3.75
CA VAL B 84 8.20 -15.17 3.31
C VAL B 84 9.46 -15.36 2.47
N SER B 85 10.27 -16.36 2.80
CA SER B 85 11.48 -16.60 2.01
C SER B 85 11.14 -17.10 0.61
N GLU B 86 10.17 -18.01 0.48
CA GLU B 86 9.77 -18.47 -0.85
C GLU B 86 9.40 -17.29 -1.73
N ARG B 87 8.59 -16.39 -1.18
CA ARG B 87 8.09 -15.25 -1.94
C ARG B 87 9.20 -14.25 -2.23
N LEU B 88 10.19 -14.13 -1.35
CA LEU B 88 11.32 -13.25 -1.63
C LEU B 88 12.09 -13.74 -2.86
N HIS B 89 12.37 -15.04 -2.92
CA HIS B 89 13.12 -15.59 -4.04
C HIS B 89 12.31 -15.58 -5.33
N GLU B 90 10.99 -15.75 -5.23
CA GLU B 90 10.17 -15.62 -6.43
C GLU B 90 10.12 -14.18 -6.92
N MET B 91 9.89 -13.23 -5.99
CA MET B 91 9.75 -11.84 -6.39
C MET B 91 11.09 -11.18 -6.71
N LEU B 92 12.19 -11.75 -6.24
CA LEU B 92 13.53 -11.24 -6.52
C LEU B 92 14.27 -12.16 -7.49
N ALA B 93 13.51 -12.88 -8.32
CA ALA B 93 14.12 -13.70 -9.36
C ALA B 93 14.80 -12.84 -10.42
N SER B 94 14.23 -11.69 -10.73
CA SER B 94 14.77 -10.81 -11.77
C SER B 94 15.86 -9.89 -11.27
N LYS B 95 15.91 -9.61 -9.97
CA LYS B 95 16.97 -8.77 -9.44
C LYS B 95 18.31 -9.52 -9.47
N ALA B 96 19.38 -8.74 -9.58
CA ALA B 96 20.73 -9.29 -9.62
C ALA B 96 21.03 -10.07 -8.34
N PRO B 97 21.34 -11.37 -8.44
CA PRO B 97 21.45 -12.20 -7.23
C PRO B 97 22.56 -11.80 -6.26
N ALA B 98 23.49 -10.94 -6.67
CA ALA B 98 24.51 -10.44 -5.76
C ALA B 98 24.09 -9.16 -5.06
N SER B 99 22.99 -8.55 -5.48
CA SER B 99 22.51 -7.30 -4.90
C SER B 99 21.83 -7.49 -3.55
N TRP B 100 21.61 -8.72 -3.10
CA TRP B 100 20.86 -8.92 -1.86
C TRP B 100 21.22 -10.24 -1.20
N GLU B 101 21.03 -10.27 0.12
CA GLU B 101 21.31 -11.40 0.99
C GLU B 101 20.10 -11.58 1.91
N LEU B 102 19.90 -12.81 2.41
CA LEU B 102 18.73 -13.07 3.24
C LEU B 102 19.08 -13.99 4.41
N ILE B 103 18.65 -13.60 5.60
CA ILE B 103 18.75 -14.41 6.80
C ILE B 103 17.35 -14.83 7.21
N CYS B 104 17.18 -16.13 7.50
CA CYS B 104 15.94 -16.66 8.05
C CYS B 104 16.19 -17.10 9.48
N GLY B 105 15.38 -16.62 10.40
CA GLY B 105 15.51 -16.98 11.80
C GLY B 105 14.18 -17.36 12.40
N ASP B 106 14.19 -18.36 13.27
CA ASP B 106 13.00 -18.81 13.98
C ASP B 106 13.44 -19.41 15.31
N ILE B 107 12.52 -19.42 16.27
CA ILE B 107 12.88 -19.86 17.61
C ILE B 107 13.04 -21.38 17.68
N SER B 108 12.40 -22.10 16.77
CA SER B 108 12.38 -23.56 16.83
C SER B 108 13.42 -24.16 15.89
N ALA B 109 14.04 -25.24 16.34
CA ALA B 109 15.08 -25.88 15.53
C ALA B 109 14.48 -26.69 14.38
N GLU B 110 13.34 -27.35 14.62
CA GLU B 110 12.69 -28.11 13.56
C GLU B 110 12.36 -27.23 12.36
N LEU B 111 11.76 -26.06 12.61
CA LEU B 111 11.34 -25.22 11.50
C LEU B 111 12.54 -24.61 10.79
N THR B 112 13.54 -24.13 11.54
CA THR B 112 14.71 -23.57 10.87
C THR B 112 15.47 -24.64 10.09
N GLY B 113 15.55 -25.85 10.63
CA GLY B 113 16.14 -26.95 9.86
C GLY B 113 15.38 -27.20 8.57
N HIS B 114 14.05 -27.21 8.65
CA HIS B 114 13.23 -27.28 7.46
C HIS B 114 13.58 -26.16 6.48
N VAL B 115 13.86 -24.96 6.99
CA VAL B 115 14.24 -23.88 6.08
C VAL B 115 15.65 -24.09 5.55
N LYS B 116 16.55 -24.65 6.35
CA LYS B 116 17.89 -24.94 5.85
C LYS B 116 17.83 -25.94 4.69
N ARG B 117 17.13 -27.06 4.88
CA ARG B 117 17.00 -28.04 3.80
C ARG B 117 16.38 -27.41 2.57
N LYS B 118 15.43 -26.50 2.75
CA LYS B 118 14.86 -25.80 1.61
C LYS B 118 15.89 -24.91 0.94
N ILE B 119 16.77 -24.29 1.73
CA ILE B 119 17.82 -23.44 1.18
C ILE B 119 18.69 -24.25 0.22
N ILE B 120 19.01 -25.48 0.61
CA ILE B 120 19.87 -26.33 -0.20
C ILE B 120 19.13 -26.93 -1.39
N GLU B 121 17.97 -27.54 -1.12
CA GLU B 121 17.19 -28.22 -2.17
C GLU B 121 16.82 -27.28 -3.31
N GLU B 122 16.85 -25.96 -3.09
CA GLU B 122 16.46 -25.01 -4.12
C GLU B 122 17.58 -24.07 -4.53
N GLY B 123 18.79 -24.24 -4.02
CA GLY B 123 19.94 -23.50 -4.52
C GLY B 123 19.98 -22.02 -4.20
N TRP B 124 19.56 -21.64 -2.99
CA TRP B 124 19.56 -20.23 -2.57
C TRP B 124 20.90 -19.89 -1.95
N THR B 125 21.88 -19.51 -2.79
CA THR B 125 23.22 -19.26 -2.29
C THR B 125 23.26 -18.08 -1.33
N ASN B 126 22.42 -17.07 -1.54
CA ASN B 126 22.48 -15.85 -0.74
C ASN B 126 21.70 -15.94 0.57
N SER B 127 21.20 -17.12 0.96
CA SER B 127 20.33 -17.24 2.11
C SER B 127 20.95 -18.12 3.18
N SER B 128 20.61 -17.82 4.43
CA SER B 128 21.15 -18.50 5.59
C SER B 128 20.05 -18.59 6.64
N ALA B 129 19.96 -19.73 7.32
CA ALA B 129 18.97 -19.92 8.38
C ALA B 129 19.68 -20.13 9.71
N ARG B 130 19.10 -19.58 10.77
CA ARG B 130 19.65 -19.71 12.11
C ARG B 130 18.52 -19.68 13.13
N VAL B 131 18.73 -20.37 14.25
CA VAL B 131 17.79 -20.31 15.36
C VAL B 131 18.05 -19.02 16.14
N MET B 132 17.03 -18.16 16.23
CA MET B 132 17.16 -16.90 16.93
C MET B 132 15.89 -16.58 17.69
N ASP B 133 16.04 -15.79 18.75
CA ASP B 133 14.92 -15.25 19.51
C ASP B 133 14.68 -13.82 19.07
N ALA B 134 13.49 -13.57 18.52
CA ALA B 134 13.14 -12.24 18.04
C ALA B 134 13.26 -11.18 19.14
N GLN B 135 13.20 -11.59 20.41
CA GLN B 135 13.33 -10.65 21.52
C GLN B 135 14.77 -10.28 21.84
N ASN B 136 15.73 -11.16 21.56
CA ASN B 136 17.15 -10.82 21.68
C ASN B 136 17.87 -11.53 20.55
N THR B 137 17.93 -10.88 19.41
CA THR B 137 18.63 -11.42 18.26
C THR B 137 20.13 -11.22 18.43
N GLU B 138 20.89 -12.18 17.93
CA GLU B 138 22.34 -12.13 18.01
C GLU B 138 22.97 -11.23 16.94
N LEU B 139 22.17 -10.47 16.19
CA LEU B 139 22.64 -9.83 14.96
C LEU B 139 23.26 -8.47 15.24
N ALA B 140 24.10 -8.05 14.29
CA ALA B 140 24.89 -6.84 14.45
C ALA B 140 24.02 -5.59 14.33
N THR B 141 24.40 -4.56 15.06
CA THR B 141 23.65 -3.31 15.05
C THR B 141 23.76 -2.65 13.68
N ALA B 142 22.62 -2.13 13.20
CA ALA B 142 22.57 -1.30 12.00
C ALA B 142 23.08 -2.03 10.77
N GLU B 143 22.88 -3.34 10.69
CA GLU B 143 23.39 -4.10 9.56
C GLU B 143 22.34 -4.56 8.56
N LEU B 144 21.04 -4.38 8.85
CA LEU B 144 19.98 -4.90 8.00
C LEU B 144 19.24 -3.76 7.29
N THR B 145 18.82 -4.00 6.05
CA THR B 145 17.99 -3.03 5.35
C THR B 145 16.50 -3.31 5.53
N HIS B 146 16.09 -4.55 5.72
CA HIS B 146 14.67 -4.90 5.85
C HIS B 146 14.48 -6.04 6.83
N VAL B 147 13.48 -5.91 7.70
CA VAL B 147 13.05 -7.00 8.57
C VAL B 147 11.59 -7.31 8.25
N PHE B 148 11.29 -8.58 7.98
CA PHE B 148 9.93 -9.06 7.76
C PHE B 148 9.58 -10.06 8.85
N ALA B 149 8.41 -9.89 9.44
CA ALA B 149 7.90 -10.83 10.43
C ALA B 149 6.43 -11.02 10.09
N ALA B 150 6.10 -12.15 9.47
CA ALA B 150 4.74 -12.47 9.07
C ALA B 150 4.03 -13.25 10.16
N LEU B 151 2.86 -12.77 10.57
CA LEU B 151 1.96 -13.47 11.50
C LEU B 151 2.70 -14.05 12.71
N ALA B 152 3.51 -13.22 13.33
CA ALA B 152 4.41 -13.72 14.37
C ALA B 152 4.34 -12.92 15.65
N TRP B 153 4.22 -11.59 15.55
CA TRP B 153 4.51 -10.74 16.69
C TRP B 153 3.63 -11.05 17.89
N THR B 154 2.43 -11.56 17.63
CA THR B 154 1.51 -11.88 18.71
C THR B 154 2.02 -12.99 19.61
N SER B 155 2.96 -13.80 19.11
CA SER B 155 3.53 -14.89 19.89
C SER B 155 4.69 -14.44 20.77
N PHE B 156 5.24 -13.25 20.55
CA PHE B 156 6.37 -12.79 21.35
C PHE B 156 5.87 -12.42 22.75
N PRO B 157 6.46 -12.95 23.82
CA PRO B 157 6.04 -12.52 25.16
C PRO B 157 6.39 -11.07 25.45
N ASP B 158 7.55 -10.61 25.01
CA ASP B 158 7.97 -9.24 25.21
C ASP B 158 7.95 -8.57 23.84
N THR B 159 6.76 -8.11 23.45
CA THR B 159 6.60 -7.49 22.14
C THR B 159 7.46 -6.25 22.00
N TYR B 160 7.62 -5.47 23.08
CA TYR B 160 8.42 -4.25 23.01
C TYR B 160 9.92 -4.55 22.89
N ALA B 161 10.39 -5.59 23.57
CA ALA B 161 11.77 -5.99 23.43
C ALA B 161 12.08 -6.37 21.99
N ALA B 162 11.11 -7.00 21.31
CA ALA B 162 11.32 -7.40 19.92
C ALA B 162 11.34 -6.19 18.99
N LEU B 163 10.45 -5.22 19.22
CA LEU B 163 10.51 -3.98 18.46
C LEU B 163 11.84 -3.27 18.67
N LYS B 164 12.30 -3.21 19.92
CA LYS B 164 13.57 -2.53 20.16
C LYS B 164 14.73 -3.27 19.51
N ASP B 165 14.67 -4.60 19.48
CA ASP B 165 15.79 -5.35 18.91
C ASP B 165 15.78 -5.27 17.39
N SER B 166 14.58 -5.34 16.78
CA SER B 166 14.47 -5.13 15.34
C SER B 166 14.91 -3.72 14.97
N LEU B 167 14.55 -2.73 15.78
CA LEU B 167 15.03 -1.38 15.54
C LEU B 167 16.56 -1.31 15.62
N ARG B 168 17.15 -2.05 16.58
CA ARG B 168 18.61 -1.99 16.75
C ARG B 168 19.34 -2.54 15.53
N ILE B 169 18.82 -3.61 14.92
CA ILE B 169 19.54 -4.31 13.85
C ILE B 169 19.32 -3.70 12.48
N LEU B 170 18.36 -2.79 12.35
CA LEU B 170 18.15 -2.09 11.09
C LEU B 170 19.16 -0.97 10.93
N ARG B 171 19.65 -0.81 9.69
CA ARG B 171 20.38 0.39 9.31
C ARG B 171 19.47 1.60 9.45
N PRO B 172 20.03 2.80 9.58
CA PRO B 172 19.22 4.01 9.41
C PRO B 172 18.53 4.02 8.05
N GLY B 173 17.22 4.24 8.07
CA GLY B 173 16.40 4.11 6.88
C GLY B 173 15.90 2.71 6.61
N GLY B 174 16.34 1.71 7.39
CA GLY B 174 15.80 0.38 7.25
C GLY B 174 14.34 0.31 7.64
N THR B 175 13.67 -0.74 7.16
CA THR B 175 12.23 -0.90 7.31
C THR B 175 11.92 -2.20 8.03
N LEU B 176 11.01 -2.14 9.00
CA LEU B 176 10.41 -3.34 9.57
C LEU B 176 9.00 -3.47 9.00
N THR B 177 8.64 -4.66 8.53
CA THR B 177 7.29 -4.90 8.03
C THR B 177 6.74 -6.14 8.72
N ILE B 178 5.58 -6.00 9.40
CA ILE B 178 4.96 -7.06 10.18
C ILE B 178 3.49 -7.26 9.80
N SER B 179 2.99 -8.48 10.04
CA SER B 179 1.56 -8.76 9.94
C SER B 179 1.10 -9.58 11.14
N THR B 180 -0.15 -9.36 11.53
CA THR B 180 -0.80 -10.10 12.61
C THR B 180 -2.23 -10.41 12.19
N TRP B 181 -2.74 -11.55 12.63
CA TRP B 181 -4.13 -11.88 12.36
C TRP B 181 -5.07 -10.90 13.05
N GLN B 182 -6.14 -10.55 12.36
CA GLN B 182 -7.26 -9.83 12.96
C GLN B 182 -8.51 -10.69 13.03
N LYS B 183 -8.86 -11.36 11.94
CA LYS B 183 -10.02 -12.26 11.92
C LYS B 183 -9.66 -13.47 11.08
N THR B 184 -9.69 -14.65 11.70
CA THR B 184 -9.37 -15.92 11.04
C THR B 184 -10.58 -16.83 11.20
N GLU B 185 -11.42 -16.90 10.17
CA GLU B 185 -12.77 -17.42 10.39
C GLU B 185 -12.85 -18.95 10.32
N TRP B 186 -11.76 -19.65 10.68
CA TRP B 186 -11.87 -21.07 11.01
C TRP B 186 -12.45 -21.26 12.40
N LEU B 187 -12.22 -20.30 13.29
CA LEU B 187 -12.70 -20.39 14.65
C LEU B 187 -14.22 -20.52 14.70
N GLY B 188 -14.92 -19.79 13.83
CA GLY B 188 -16.37 -19.86 13.83
C GLY B 188 -16.92 -21.18 13.34
N VAL B 189 -16.21 -21.86 12.43
CA VAL B 189 -16.61 -23.19 12.03
C VAL B 189 -16.50 -24.15 13.20
N LEU B 190 -15.39 -24.06 13.95
CA LEU B 190 -15.24 -24.84 15.17
C LEU B 190 -16.31 -24.47 16.20
N GLU B 191 -16.69 -23.20 16.26
CA GLU B 191 -17.74 -22.78 17.19
C GLU B 191 -19.07 -23.44 16.85
N ALA B 192 -19.45 -23.43 15.57
CA ALA B 192 -20.69 -24.09 15.16
C ALA B 192 -20.63 -25.59 15.42
N ALA B 193 -19.43 -26.18 15.36
CA ALA B 193 -19.30 -27.61 15.58
C ALA B 193 -19.51 -27.96 17.06
N VAL B 194 -19.03 -27.10 17.96
CA VAL B 194 -19.19 -27.41 19.39
C VAL B 194 -20.59 -27.07 19.90
N LYS B 195 -21.35 -26.24 19.18
CA LYS B 195 -22.77 -26.06 19.44
C LYS B 195 -23.62 -27.18 18.85
N THR B 196 -23.12 -28.41 18.91
CA THR B 196 -23.82 -29.56 18.37
C THR B 196 -23.77 -30.72 19.38
N THR B 199 -24.83 -30.53 25.97
CA THR B 199 -24.22 -29.81 27.08
C THR B 199 -23.63 -28.47 26.62
N ARG B 200 -24.27 -27.37 27.02
CA ARG B 200 -23.87 -26.05 26.54
C ARG B 200 -22.49 -25.69 27.08
N LEU B 201 -21.58 -25.34 26.17
CA LEU B 201 -20.20 -25.13 26.54
C LEU B 201 -19.73 -23.73 26.17
N PRO B 202 -18.78 -23.17 26.91
CA PRO B 202 -18.27 -21.85 26.57
C PRO B 202 -17.37 -21.90 25.35
N PHE B 203 -17.44 -20.84 24.53
CA PHE B 203 -16.56 -20.77 23.40
C PHE B 203 -16.17 -19.32 23.15
N PRO B 204 -14.88 -19.03 22.96
CA PRO B 204 -14.44 -17.65 22.82
C PRO B 204 -14.75 -17.08 21.44
N THR B 205 -15.10 -15.80 21.43
CA THR B 205 -15.25 -15.04 20.21
C THR B 205 -13.87 -14.73 19.63
N THR B 206 -13.85 -14.21 18.39
CA THR B 206 -12.58 -13.90 17.75
C THR B 206 -11.78 -12.88 18.56
N LYS B 207 -12.45 -11.80 19.00
CA LYS B 207 -11.78 -10.79 19.83
C LYS B 207 -11.28 -11.40 21.13
N GLU B 208 -12.10 -12.26 21.74
CA GLU B 208 -11.68 -12.93 22.96
C GLU B 208 -10.48 -13.83 22.72
N PHE B 209 -10.47 -14.56 21.60
CA PHE B 209 -9.37 -15.47 21.30
C PHE B 209 -8.06 -14.72 21.13
N MET B 210 -8.04 -13.71 20.24
CA MET B 210 -6.83 -12.91 20.06
C MET B 210 -6.40 -12.27 21.38
N SER B 211 -7.37 -11.85 22.20
CA SER B 211 -7.10 -11.20 23.47
C SER B 211 -6.35 -12.08 24.46
N CYS B 212 -6.16 -13.37 24.16
CA CYS B 212 -5.48 -14.26 25.09
C CYS B 212 -4.07 -13.80 25.42
N MET B 213 -3.13 -13.98 24.49
CA MET B 213 -1.80 -13.42 24.62
C MET B 213 -1.68 -12.21 23.70
N ASN B 214 -1.08 -11.15 24.22
CA ASN B 214 -0.91 -9.88 23.54
C ASN B 214 -2.23 -9.33 23.02
N PRO B 215 -3.11 -8.84 23.89
CA PRO B 215 -4.30 -8.12 23.41
C PRO B 215 -3.90 -6.82 22.71
N GLY B 216 -4.70 -6.45 21.71
CA GLY B 216 -4.48 -5.24 20.97
C GLY B 216 -3.86 -5.44 19.61
N TRP B 217 -3.01 -6.47 19.44
CA TRP B 217 -2.25 -6.65 18.21
C TRP B 217 -3.12 -7.08 17.03
N ASP B 218 -4.41 -7.34 17.26
CA ASP B 218 -5.38 -7.54 16.20
C ASP B 218 -6.00 -6.23 15.71
N ASP B 219 -5.59 -5.10 16.24
CA ASP B 219 -6.16 -3.81 15.89
C ASP B 219 -5.04 -2.99 15.26
N GLU B 220 -5.28 -2.46 14.06
CA GLU B 220 -4.19 -1.85 13.31
C GLU B 220 -3.78 -0.52 13.89
N ASN B 221 -4.69 0.20 14.55
CA ASN B 221 -4.32 1.47 15.16
C ASN B 221 -3.51 1.26 16.42
N TYR B 222 -3.80 0.20 17.16
CA TYR B 222 -2.99 -0.14 18.31
C TYR B 222 -1.59 -0.57 17.88
N VAL B 223 -1.49 -1.41 16.85
CA VAL B 223 -0.17 -1.80 16.35
C VAL B 223 0.58 -0.56 15.90
N ARG B 224 -0.09 0.33 15.18
CA ARG B 224 0.56 1.55 14.71
C ARG B 224 1.17 2.33 15.87
N GLY B 225 0.40 2.47 16.96
CA GLY B 225 0.89 3.21 18.11
C GLY B 225 2.05 2.53 18.82
N ARG B 226 2.15 1.21 18.73
CA ARG B 226 3.25 0.55 19.42
C ARG B 226 4.54 0.68 18.64
N LEU B 227 4.44 0.72 17.32
CA LEU B 227 5.63 0.95 16.52
C LEU B 227 6.15 2.37 16.72
N GLU B 228 5.25 3.35 16.80
CA GLU B 228 5.65 4.72 17.10
C GLU B 228 6.28 4.82 18.49
N GLU B 229 5.64 4.21 19.50
CA GLU B 229 6.16 4.28 20.86
C GLU B 229 7.55 3.67 20.98
N ALA B 230 7.86 2.69 20.13
CA ALA B 230 9.16 2.04 20.15
C ALA B 230 10.23 2.84 19.42
N GLY B 231 9.87 3.90 18.71
CA GLY B 231 10.83 4.75 18.04
C GLY B 231 10.90 4.59 16.54
N PHE B 232 10.09 3.73 15.94
CA PHE B 232 10.02 3.69 14.49
C PHE B 232 9.37 4.97 13.98
N VAL B 233 9.79 5.41 12.79
CA VAL B 233 9.19 6.56 12.14
C VAL B 233 8.59 6.12 10.82
N HIS B 234 7.84 7.03 10.19
CA HIS B 234 7.14 6.74 8.94
C HIS B 234 6.32 5.48 9.08
N VAL B 235 5.58 5.41 10.17
CA VAL B 235 4.78 4.24 10.49
C VAL B 235 3.50 4.30 9.68
N TYR B 236 3.12 3.16 9.14
CA TYR B 236 1.85 2.99 8.44
C TYR B 236 1.26 1.64 8.85
N SER B 237 -0.06 1.59 8.99
CA SER B 237 -0.74 0.35 9.35
C SER B 237 -2.07 0.28 8.61
N THR B 238 -2.46 -0.93 8.24
CA THR B 238 -3.71 -1.13 7.53
C THR B 238 -4.14 -2.57 7.71
N THR B 239 -5.19 -2.95 6.98
CA THR B 239 -5.83 -4.24 7.09
C THR B 239 -6.03 -4.79 5.68
N ILE B 240 -5.70 -6.06 5.47
CA ILE B 240 -5.88 -6.73 4.19
C ILE B 240 -6.64 -8.03 4.42
N SER B 241 -7.65 -8.28 3.60
CA SER B 241 -8.42 -9.52 3.66
C SER B 241 -8.19 -10.33 2.40
N LYS B 242 -8.28 -11.66 2.56
CA LYS B 242 -8.09 -12.61 1.48
C LYS B 242 -9.25 -13.60 1.51
N GLU B 243 -9.90 -13.80 0.37
CA GLU B 243 -10.92 -14.83 0.23
C GLU B 243 -10.29 -16.04 -0.44
N PHE B 244 -10.45 -17.21 0.18
CA PHE B 244 -9.85 -18.43 -0.35
C PHE B 244 -10.71 -19.61 0.10
N GLN B 245 -10.36 -20.79 -0.40
CA GLN B 245 -11.06 -22.02 -0.06
C GLN B 245 -10.09 -22.99 0.57
N ILE B 246 -10.51 -23.58 1.70
CA ILE B 246 -9.74 -24.59 2.41
C ILE B 246 -10.57 -25.86 2.46
N SER B 247 -9.92 -27.02 2.30
CA SER B 247 -10.65 -28.27 2.34
C SER B 247 -11.06 -28.61 3.76
N THR B 248 -12.13 -29.40 3.89
CA THR B 248 -12.61 -29.77 5.22
C THR B 248 -11.55 -30.51 6.02
N ALA B 249 -10.77 -31.37 5.36
CA ALA B 249 -9.69 -32.07 6.03
C ALA B 249 -8.64 -31.08 6.54
N ASP B 250 -8.27 -30.11 5.70
CA ASP B 250 -7.32 -29.08 6.13
C ASP B 250 -7.85 -28.31 7.32
N LEU B 251 -9.13 -27.92 7.29
CA LEU B 251 -9.72 -27.21 8.42
C LEU B 251 -9.66 -28.06 9.69
N TYR B 252 -9.87 -29.38 9.54
CA TYR B 252 -9.80 -30.28 10.68
C TYR B 252 -8.41 -30.25 11.33
N LYS B 253 -7.35 -30.33 10.51
CA LYS B 253 -6.00 -30.40 11.06
C LYS B 253 -5.53 -29.05 11.60
N ILE B 254 -6.21 -27.96 11.25
CA ILE B 254 -5.86 -26.68 11.84
C ILE B 254 -6.46 -26.56 13.23
N ALA B 255 -7.68 -27.04 13.41
CA ALA B 255 -8.37 -26.88 14.68
C ALA B 255 -7.78 -27.79 15.75
N ALA B 256 -7.39 -29.01 15.37
CA ALA B 256 -7.00 -30.02 16.37
C ALA B 256 -5.88 -29.53 17.30
N PRO B 257 -4.78 -28.96 16.83
CA PRO B 257 -3.75 -28.50 17.79
C PRO B 257 -4.24 -27.38 18.68
N VAL B 258 -5.23 -26.62 18.22
CA VAL B 258 -5.70 -25.45 18.96
C VAL B 258 -6.60 -25.85 20.11
N ILE B 259 -7.20 -27.02 20.02
CA ILE B 259 -8.34 -27.34 20.89
C ILE B 259 -7.92 -27.56 22.33
N PRO B 260 -6.89 -28.33 22.66
CA PRO B 260 -6.44 -28.37 24.06
C PRO B 260 -6.09 -27.01 24.63
N ILE B 261 -5.74 -26.03 23.80
CA ILE B 261 -5.51 -24.67 24.29
C ILE B 261 -6.83 -23.99 24.62
N ILE B 262 -7.81 -24.07 23.71
CA ILE B 262 -9.12 -23.51 23.99
C ILE B 262 -9.68 -24.11 25.27
N VAL B 263 -9.59 -25.42 25.39
CA VAL B 263 -10.08 -26.13 26.57
C VAL B 263 -9.34 -25.66 27.83
N SER B 264 -8.02 -25.47 27.74
CA SER B 264 -7.22 -25.12 28.90
C SER B 264 -7.65 -23.79 29.50
N LYS B 265 -8.00 -22.81 28.65
CA LYS B 265 -8.32 -21.47 29.13
C LYS B 265 -9.80 -21.32 29.49
N TRP B 266 -10.73 -21.77 28.66
CA TRP B 266 -12.14 -21.48 28.89
C TRP B 266 -12.96 -22.64 29.43
N TRP B 267 -12.34 -23.78 29.72
CA TRP B 267 -13.06 -24.94 30.25
C TRP B 267 -12.53 -25.29 31.63
N THR B 268 -13.44 -25.49 32.57
CA THR B 268 -13.10 -26.06 33.87
C THR B 268 -12.59 -27.49 33.69
N THR B 269 -11.83 -27.96 34.68
CA THR B 269 -11.36 -29.35 34.64
C THR B 269 -12.50 -30.34 34.84
N GLU B 270 -13.72 -29.89 35.12
CA GLU B 270 -14.88 -30.77 35.02
C GLU B 270 -15.32 -30.91 33.57
N GLN B 271 -15.52 -29.79 32.86
CA GLN B 271 -16.00 -29.82 31.48
C GLN B 271 -15.00 -30.50 30.55
N LYS B 272 -13.70 -30.22 30.73
CA LYS B 272 -12.68 -30.82 29.87
C LYS B 272 -12.69 -32.34 29.98
N GLU B 273 -12.60 -32.86 31.20
CA GLU B 273 -12.59 -34.30 31.41
C GLU B 273 -13.92 -34.95 31.03
N ALA B 274 -14.98 -34.15 30.92
CA ALA B 274 -16.25 -34.68 30.44
C ALA B 274 -16.31 -34.70 28.91
N HIS B 275 -15.79 -33.66 28.24
CA HIS B 275 -16.12 -33.44 26.84
C HIS B 275 -14.95 -33.04 25.92
N GLU B 276 -13.70 -33.03 26.41
CA GLU B 276 -12.60 -32.65 25.52
C GLU B 276 -12.51 -33.59 24.32
N HIS B 277 -12.80 -34.87 24.52
CA HIS B 277 -12.77 -35.89 23.49
C HIS B 277 -13.99 -35.91 22.59
N GLU B 278 -14.95 -35.02 22.80
CA GLU B 278 -16.15 -35.02 21.99
C GLU B 278 -16.08 -34.11 20.78
N ILE B 279 -15.06 -33.26 20.66
CA ILE B 279 -15.28 -32.13 19.77
C ILE B 279 -14.58 -32.31 18.42
N LEU B 280 -13.43 -32.99 18.37
CA LEU B 280 -12.94 -33.45 17.07
C LEU B 280 -13.99 -34.26 16.31
N PRO B 281 -14.69 -35.23 16.91
CA PRO B 281 -15.77 -35.91 16.17
C PRO B 281 -16.93 -35.00 15.80
N ALA B 282 -17.28 -34.05 16.67
CA ALA B 282 -18.34 -33.11 16.33
C ALA B 282 -17.92 -32.18 15.20
N LEU B 283 -16.64 -31.79 15.17
CA LEU B 283 -16.13 -31.01 14.05
C LEU B 283 -16.21 -31.81 12.75
N ALA B 284 -15.49 -32.93 12.70
CA ALA B 284 -15.52 -33.79 11.51
C ALA B 284 -16.94 -34.08 11.03
N LYS B 285 -17.86 -34.38 11.94
CA LYS B 285 -19.23 -34.62 11.51
C LYS B 285 -19.90 -33.36 11.02
N HIS B 286 -19.64 -32.22 11.67
CA HIS B 286 -20.21 -30.97 11.20
C HIS B 286 -19.62 -30.57 9.84
N LEU B 287 -18.33 -30.82 9.64
CA LEU B 287 -17.70 -30.46 8.37
C LEU B 287 -18.34 -31.19 7.20
N GLU B 288 -18.37 -32.52 7.26
CA GLU B 288 -18.86 -33.31 6.14
C GLU B 288 -20.35 -33.13 5.89
N ALA B 289 -21.13 -32.73 6.91
CA ALA B 289 -22.54 -32.46 6.68
C ALA B 289 -22.76 -31.09 6.06
N THR B 290 -21.87 -30.14 6.34
CA THR B 290 -22.04 -28.77 5.87
C THR B 290 -21.31 -28.52 4.56
N TYR B 291 -20.18 -29.19 4.31
CA TYR B 291 -19.36 -28.88 3.14
C TYR B 291 -18.99 -30.13 2.35
N GLY B 292 -19.77 -31.21 2.48
CA GLY B 292 -19.34 -32.51 1.99
C GLY B 292 -19.47 -32.74 0.50
N GLU B 293 -20.31 -31.97 -0.19
CA GLU B 293 -20.48 -32.17 -1.63
C GLU B 293 -19.21 -31.81 -2.39
N THR B 294 -18.62 -30.67 -2.07
CA THR B 294 -17.37 -30.23 -2.66
C THR B 294 -16.15 -30.59 -1.82
N GLY B 295 -16.28 -30.66 -0.49
CA GLY B 295 -15.14 -30.84 0.37
C GLY B 295 -14.31 -29.59 0.58
N LEU B 296 -14.81 -28.42 0.19
CA LEU B 296 -14.12 -27.15 0.29
C LEU B 296 -14.91 -26.19 1.15
N VAL B 297 -14.22 -25.37 1.94
CA VAL B 297 -14.85 -24.44 2.87
C VAL B 297 -14.47 -23.02 2.45
N PRO B 298 -15.42 -22.19 2.03
CA PRO B 298 -15.10 -20.78 1.77
C PRO B 298 -14.64 -20.09 3.04
N GLN B 299 -13.60 -19.26 2.92
CA GLN B 299 -13.01 -18.57 4.05
C GLN B 299 -12.64 -17.16 3.64
N LYS B 300 -12.77 -16.21 4.58
CA LYS B 300 -12.22 -14.87 4.41
C LYS B 300 -11.43 -14.53 5.67
N TRP B 301 -10.13 -14.30 5.50
CA TRP B 301 -9.27 -13.99 6.63
C TRP B 301 -8.68 -12.60 6.46
N THR B 302 -8.42 -11.96 7.59
CA THR B 302 -8.05 -10.56 7.63
C THR B 302 -6.83 -10.42 8.52
N ALA B 303 -5.84 -9.69 8.04
CA ALA B 303 -4.62 -9.48 8.79
C ALA B 303 -4.35 -7.98 8.88
N VAL B 304 -3.83 -7.55 10.04
CA VAL B 304 -3.19 -6.26 10.16
C VAL B 304 -1.85 -6.33 9.45
N PHE B 305 -1.55 -5.32 8.64
CA PHE B 305 -0.19 -5.12 8.12
C PHE B 305 0.27 -3.76 8.62
N ALA B 306 1.53 -3.70 9.07
CA ALA B 306 2.09 -2.45 9.54
C ALA B 306 3.58 -2.41 9.21
N LYS B 307 4.09 -1.21 8.99
CA LYS B 307 5.49 -0.99 8.68
C LYS B 307 5.99 0.24 9.42
N GLY B 308 7.30 0.33 9.57
CA GLY B 308 7.92 1.49 10.18
C GLY B 308 9.41 1.50 9.90
N GLU B 309 10.02 2.66 10.06
CA GLU B 309 11.42 2.84 9.64
C GLU B 309 12.27 3.37 10.79
N LYS B 310 13.56 3.00 10.77
CA LYS B 310 14.55 3.64 11.61
C LYS B 310 14.90 5.00 11.02
N GLU B 311 14.88 6.04 11.87
CA GLU B 311 15.15 7.42 11.44
C GLU B 311 16.46 7.52 10.67
N SAH C . -6.65 14.39 -10.65
CA SAH C . -6.50 14.41 -12.10
CB SAH C . -6.01 15.76 -12.64
CG SAH C . -4.68 16.34 -12.09
SD SAH C . -4.19 17.75 -13.12
C SAH C . -5.55 13.31 -12.57
O SAH C . -5.11 12.50 -11.75
OXT SAH C . -5.26 13.21 -13.77
C5' SAH C . -4.52 19.11 -11.93
C4' SAH C . -6.00 19.54 -11.90
O4' SAH C . -6.25 20.45 -10.85
C3' SAH C . -6.51 20.21 -13.17
O3' SAH C . -7.61 19.46 -13.66
C2' SAH C . -7.01 21.58 -12.72
O2' SAH C . -8.17 21.98 -13.42
C1' SAH C . -7.26 21.37 -11.24
N9 SAH C . -7.12 22.54 -10.37
C8 SAH C . -6.13 23.49 -10.37
N7 SAH C . -6.39 24.36 -9.37
C5 SAH C . -7.51 24.00 -8.72
C6 SAH C . -8.20 24.53 -7.62
N6 SAH C . -7.82 25.63 -6.98
N1 SAH C . -9.35 23.89 -7.20
C2 SAH C . -9.79 22.75 -7.83
N3 SAH C . -9.10 22.22 -8.90
C4 SAH C . -7.97 22.85 -9.34
N SAH D . 4.45 -19.78 8.19
CA SAH D . 4.14 -18.67 9.10
CB SAH D . 4.66 -18.95 10.51
CG SAH D . 4.31 -17.90 11.57
SD SAH D . 3.66 -18.64 13.10
C SAH D . 4.74 -17.37 8.57
O SAH D . 5.82 -16.91 9.01
OXT SAH D . 4.13 -16.75 7.68
C5' SAH D . 4.80 -17.75 14.18
C4' SAH D . 6.21 -18.36 14.19
O4' SAH D . 7.06 -17.59 15.01
C3' SAH D . 6.25 -19.78 14.72
O3' SAH D . 6.75 -20.64 13.71
C2' SAH D . 7.25 -19.77 15.87
O2' SAH D . 8.21 -20.79 15.70
C1' SAH D . 7.95 -18.43 15.74
N9 SAH D . 8.29 -17.80 17.01
C8 SAH D . 7.59 -17.79 18.20
N7 SAH D . 8.31 -17.07 19.10
C5 SAH D . 9.43 -16.61 18.51
C6 SAH D . 10.52 -15.84 18.95
N6 SAH D . 10.57 -15.37 20.19
N1 SAH D . 11.54 -15.55 18.08
C2 SAH D . 11.53 -16.01 16.79
N3 SAH D . 10.46 -16.79 16.36
C4 SAH D . 9.44 -17.06 17.20
CL CL E . -1.56 4.61 9.22
#